data_4AXV
#
_entry.id   4AXV
#
_cell.length_a   73.600
_cell.length_b   73.600
_cell.length_c   208.710
_cell.angle_alpha   90.00
_cell.angle_beta   90.00
_cell.angle_gamma   120.00
#
_symmetry.space_group_name_H-M   'P 65 2 2'
#
loop_
_entity.id
_entity.type
_entity.pdbx_description
1 polymer MPAA
2 non-polymer 'ZINC ION'
3 non-polymer 1,2-ETHANEDIOL
4 water water
#
_entity_poly.entity_id   1
_entity_poly.type   'polypeptide(L)'
_entity_poly.pdbx_seq_one_letter_code
;VLFQGPA(MSE)SLIPRTERAAFLITPTSYGKSVLGAPLLYFPAQVESNSRGLILAGTHGDETASIAGLSCALRSLPAEC
LKHDVILS(MSE)NPDANQLGTRANANQVDLNRAFPTQNWTEHGTVYRWSSHTPVRDVKVKTGDKEQLEPEVDALISLIE
LRRPKFVVSFHEPLAFVDDPAHSDLAKWLGKQFNLPIVDDVDYETPGSFGTWCNERQLPCITVELPPISADLTIEKHLDA
FIALLQHDPDL
;
_entity_poly.pdbx_strand_id   A
#
loop_
_chem_comp.id
_chem_comp.type
_chem_comp.name
_chem_comp.formula
EDO non-polymer 1,2-ETHANEDIOL 'C2 H6 O2'
ZN non-polymer 'ZINC ION' 'Zn 2'
#
# COMPACT_ATOMS: atom_id res chain seq x y z
N VAL A 1 9.80 27.63 17.67
CA VAL A 1 9.20 27.55 16.30
C VAL A 1 8.70 28.96 15.99
N LEU A 2 9.03 29.49 14.82
CA LEU A 2 8.67 30.91 14.56
C LEU A 2 7.24 31.18 14.04
N PHE A 3 6.67 30.27 13.25
CA PHE A 3 5.31 30.34 12.74
C PHE A 3 4.92 28.88 12.45
N GLN A 4 3.61 28.58 12.43
CA GLN A 4 3.13 27.26 11.99
C GLN A 4 3.23 27.24 10.49
N GLY A 5 3.90 26.19 9.96
CA GLY A 5 4.12 25.96 8.49
C GLY A 5 2.74 26.06 7.87
N PRO A 6 2.66 26.38 6.55
CA PRO A 6 1.32 26.68 5.96
C PRO A 6 0.39 25.45 5.87
N ALA A 7 -0.91 25.64 6.00
CA ALA A 7 -1.87 24.56 5.73
C ALA A 7 -1.69 24.18 4.23
N MSE A 8 -1.80 22.88 3.91
N MSE A 8 -1.77 22.90 3.86
CA MSE A 8 -1.75 22.42 2.51
CA MSE A 8 -1.56 22.48 2.43
C MSE A 8 -2.94 23.01 1.81
C MSE A 8 -2.82 22.72 1.65
O MSE A 8 -4.03 23.06 2.37
O MSE A 8 -3.84 22.13 1.98
CB MSE A 8 -1.73 20.88 2.43
CB MSE A 8 -1.18 21.01 2.26
CG MSE A 8 -0.72 20.39 3.47
CG MSE A 8 0.33 20.82 2.12
SE MSE A 8 -0.30 18.45 3.40
SE MSE A 8 1.14 22.29 1.07
CE MSE A 8 -1.66 17.80 4.70
CE MSE A 8 2.19 23.26 2.43
N SER A 9 -2.77 23.55 0.61
CA SER A 9 -4.02 23.96 -0.11
C SER A 9 -4.63 22.81 -0.98
N LEU A 10 -5.94 22.66 -0.86
CA LEU A 10 -6.62 21.42 -1.26
C LEU A 10 -7.70 21.70 -2.26
N ILE A 11 -8.02 20.70 -3.06
CA ILE A 11 -9.19 20.83 -3.88
C ILE A 11 -10.37 21.11 -2.94
N PRO A 12 -11.27 22.08 -3.30
CA PRO A 12 -12.47 22.29 -2.47
C PRO A 12 -13.26 20.96 -2.24
N ARG A 13 -13.68 20.74 -1.00
CA ARG A 13 -14.41 19.53 -0.59
C ARG A 13 -15.57 19.20 -1.54
N THR A 14 -16.28 20.24 -2.00
CA THR A 14 -17.44 20.06 -2.87
C THR A 14 -17.03 19.34 -4.18
N GLU A 15 -15.77 19.47 -4.61
CA GLU A 15 -15.31 18.90 -5.92
C GLU A 15 -14.63 17.51 -5.82
N ARG A 16 -14.54 16.94 -4.62
CA ARG A 16 -13.71 15.78 -4.40
C ARG A 16 -14.17 14.37 -4.84
N ALA A 17 -15.39 14.23 -5.34
CA ALA A 17 -15.77 12.97 -5.93
C ALA A 17 -15.01 12.68 -7.22
N ALA A 18 -14.48 13.69 -7.93
CA ALA A 18 -13.79 13.49 -9.22
C ALA A 18 -12.33 13.06 -8.95
N PHE A 19 -11.80 12.25 -9.85
CA PHE A 19 -10.35 12.10 -9.99
C PHE A 19 -9.82 13.06 -11.09
N LEU A 20 -9.01 14.08 -10.77
CA LEU A 20 -8.49 14.97 -11.80
C LEU A 20 -7.36 14.30 -12.60
N ILE A 21 -6.74 13.23 -12.07
CA ILE A 21 -5.74 12.42 -12.84
C ILE A 21 -6.40 11.19 -13.39
N THR A 22 -6.35 11.04 -14.71
CA THR A 22 -6.82 9.82 -15.34
C THR A 22 -5.80 8.70 -15.02
N PRO A 23 -6.27 7.58 -14.43
CA PRO A 23 -5.30 6.58 -14.14
C PRO A 23 -4.83 5.85 -15.42
N THR A 24 -3.71 5.14 -15.32
CA THR A 24 -3.27 4.20 -16.40
C THR A 24 -3.39 2.75 -15.89
N SER A 25 -3.91 1.86 -16.72
CA SER A 25 -3.93 0.46 -16.38
C SER A 25 -2.53 -0.15 -16.46
N TYR A 26 -2.17 -1.03 -15.54
CA TYR A 26 -0.90 -1.73 -15.65
C TYR A 26 -1.17 -3.20 -15.69
N GLY A 27 -2.42 -3.61 -15.95
CA GLY A 27 -2.66 -5.06 -15.99
C GLY A 27 -4.13 -5.37 -15.72
N LYS A 28 -4.41 -6.66 -15.48
CA LYS A 28 -5.76 -7.18 -15.38
C LYS A 28 -5.74 -8.18 -14.24
N SER A 29 -6.82 -8.23 -13.45
CA SER A 29 -6.87 -9.11 -12.30
C SER A 29 -7.28 -10.49 -12.75
N VAL A 30 -7.28 -11.47 -11.84
CA VAL A 30 -7.77 -12.80 -12.21
C VAL A 30 -9.17 -12.69 -12.86
N LEU A 31 -10.10 -11.92 -12.27
CA LEU A 31 -11.48 -11.86 -12.74
C LEU A 31 -11.59 -10.96 -13.95
N GLY A 32 -10.57 -10.21 -14.23
CA GLY A 32 -10.57 -9.46 -15.49
C GLY A 32 -10.79 -7.99 -15.21
N ALA A 33 -10.72 -7.55 -13.93
CA ALA A 33 -10.83 -6.07 -13.66
C ALA A 33 -9.55 -5.39 -14.06
N PRO A 34 -9.60 -4.11 -14.44
CA PRO A 34 -8.32 -3.42 -14.67
C PRO A 34 -7.58 -3.06 -13.37
N LEU A 35 -6.25 -3.12 -13.42
CA LEU A 35 -5.35 -2.75 -12.37
C LEU A 35 -4.89 -1.37 -12.77
N LEU A 36 -5.03 -0.45 -11.81
CA LEU A 36 -4.86 1.00 -12.09
C LEU A 36 -3.86 1.68 -11.22
N TYR A 37 -3.11 2.61 -11.81
CA TYR A 37 -2.29 3.47 -11.01
C TYR A 37 -2.45 4.90 -11.50
N PHE A 38 -2.20 5.82 -10.59
CA PHE A 38 -2.26 7.22 -10.91
C PHE A 38 -0.83 7.69 -10.96
N PRO A 39 -0.36 8.09 -12.15
CA PRO A 39 1.05 8.48 -12.32
C PRO A 39 1.38 9.76 -11.55
N ALA A 40 2.57 9.78 -10.96
CA ALA A 40 3.10 11.02 -10.39
C ALA A 40 2.98 12.16 -11.42
N GLN A 41 2.74 13.38 -10.94
CA GLN A 41 2.63 14.53 -11.85
C GLN A 41 3.88 15.43 -11.81
N VAL A 42 4.68 15.37 -10.75
CA VAL A 42 5.90 16.18 -10.61
C VAL A 42 7.05 15.28 -11.04
N GLU A 43 7.93 15.84 -11.85
CA GLU A 43 9.24 15.29 -12.16
C GLU A 43 10.16 15.46 -10.95
N SER A 44 10.83 14.40 -10.52
CA SER A 44 11.80 14.48 -9.42
C SER A 44 12.62 13.21 -9.30
N ASN A 45 13.69 13.33 -8.54
CA ASN A 45 14.61 12.23 -8.39
C ASN A 45 14.17 11.28 -7.32
N SER A 46 13.19 11.72 -6.51
CA SER A 46 12.70 10.85 -5.44
C SER A 46 11.25 10.30 -5.63
N ARG A 47 10.79 10.22 -6.85
CA ARG A 47 9.51 9.64 -7.12
C ARG A 47 9.43 8.15 -6.65
N GLY A 48 8.41 7.86 -5.85
CA GLY A 48 8.22 6.49 -5.39
C GLY A 48 6.81 6.00 -5.63
N LEU A 49 6.36 5.08 -4.78
CA LEU A 49 5.15 4.35 -5.06
C LEU A 49 4.40 4.16 -3.76
N ILE A 50 3.16 4.66 -3.74
CA ILE A 50 2.26 4.50 -2.60
C ILE A 50 1.15 3.49 -2.93
N LEU A 51 0.96 2.49 -2.09
CA LEU A 51 0.17 1.36 -2.52
C LEU A 51 -0.79 0.92 -1.41
N ALA A 52 -1.99 0.44 -1.78
CA ALA A 52 -2.87 -0.15 -0.79
C ALA A 52 -3.57 -1.36 -1.41
N GLY A 53 -4.35 -2.06 -0.60
CA GLY A 53 -5.19 -3.13 -1.15
C GLY A 53 -4.48 -4.45 -1.49
N THR A 54 -3.25 -4.66 -1.00
CA THR A 54 -2.62 -6.01 -1.06
C THR A 54 -3.58 -7.08 -0.55
N HIS A 55 -4.20 -6.78 0.61
CA HIS A 55 -5.24 -7.65 1.20
C HIS A 55 -6.60 -6.99 0.99
N GLY A 56 -7.52 -7.74 0.39
CA GLY A 56 -8.73 -7.13 -0.16
C GLY A 56 -9.69 -6.61 0.91
N ASP A 57 -9.57 -7.08 2.15
CA ASP A 57 -10.48 -6.64 3.21
C ASP A 57 -9.81 -5.57 4.10
N GLU A 58 -8.69 -4.98 3.71
CA GLU A 58 -8.09 -3.91 4.50
C GLU A 58 -8.38 -2.65 3.71
N THR A 59 -9.56 -2.10 3.93
CA THR A 59 -10.13 -1.13 3.05
C THR A 59 -10.10 0.25 3.67
N ALA A 60 -9.82 0.36 4.98
CA ALA A 60 -9.81 1.71 5.58
C ALA A 60 -8.67 2.48 4.93
N SER A 61 -7.59 1.75 4.61
CA SER A 61 -6.47 2.43 3.98
C SER A 61 -6.72 2.76 2.52
N ILE A 62 -7.55 1.97 1.85
CA ILE A 62 -7.91 2.31 0.45
C ILE A 62 -8.77 3.60 0.45
N ALA A 63 -9.78 3.66 1.32
CA ALA A 63 -10.62 4.83 1.40
C ALA A 63 -9.76 6.09 1.72
N GLY A 64 -8.83 5.98 2.68
CA GLY A 64 -8.06 7.15 3.14
C GLY A 64 -7.13 7.65 2.02
N LEU A 65 -6.47 6.72 1.37
CA LEU A 65 -5.59 7.03 0.26
C LEU A 65 -6.37 7.59 -0.91
N SER A 66 -7.51 6.98 -1.22
CA SER A 66 -8.37 7.56 -2.30
C SER A 66 -8.89 8.99 -1.97
N CYS A 67 -9.44 9.18 -0.78
CA CYS A 67 -9.85 10.53 -0.36
C CYS A 67 -8.67 11.55 -0.40
N ALA A 68 -7.49 11.14 0.05
CA ALA A 68 -6.28 12.01 0.02
C ALA A 68 -5.94 12.39 -1.38
N LEU A 69 -5.90 11.39 -2.26
CA LEU A 69 -5.54 11.61 -3.67
C LEU A 69 -6.51 12.65 -4.33
N ARG A 70 -7.81 12.46 -4.09
CA ARG A 70 -8.82 13.35 -4.66
C ARG A 70 -8.88 14.73 -3.94
N SER A 71 -8.19 14.85 -2.81
CA SER A 71 -8.10 16.13 -2.11
C SER A 71 -6.91 16.99 -2.55
N LEU A 72 -5.92 16.36 -3.18
CA LEU A 72 -4.65 16.98 -3.56
C LEU A 72 -4.70 17.59 -4.95
N PRO A 73 -4.35 18.91 -5.10
CA PRO A 73 -4.24 19.45 -6.46
C PRO A 73 -3.35 18.52 -7.35
N ALA A 74 -3.79 18.25 -8.58
CA ALA A 74 -3.20 17.20 -9.41
C ALA A 74 -1.69 17.39 -9.62
N GLU A 75 -1.29 18.65 -9.82
CA GLU A 75 0.09 18.98 -10.10
C GLU A 75 0.99 18.82 -8.85
N CYS A 76 0.43 18.62 -7.65
CA CYS A 76 1.26 18.39 -6.46
C CYS A 76 1.68 16.90 -6.23
N LEU A 77 1.18 15.97 -7.06
CA LEU A 77 1.41 14.53 -6.78
C LEU A 77 2.85 14.11 -7.16
N LYS A 78 3.68 13.81 -6.15
CA LYS A 78 5.07 13.42 -6.37
C LYS A 78 5.27 11.94 -6.67
N HIS A 79 4.29 11.09 -6.34
CA HIS A 79 4.52 9.59 -6.40
C HIS A 79 3.45 8.89 -7.13
N ASP A 80 3.77 7.73 -7.72
CA ASP A 80 2.73 6.90 -8.28
C ASP A 80 1.84 6.36 -7.11
N VAL A 81 0.57 6.20 -7.40
CA VAL A 81 -0.43 5.75 -6.40
C VAL A 81 -1.23 4.62 -7.01
N ILE A 82 -1.27 3.51 -6.25
CA ILE A 82 -2.17 2.41 -6.51
C ILE A 82 -3.10 2.29 -5.31
N LEU A 83 -4.35 2.66 -5.54
CA LEU A 83 -5.44 2.62 -4.54
C LEU A 83 -5.75 1.17 -4.09
N SER A 84 -5.74 0.26 -5.04
CA SER A 84 -5.85 -1.13 -4.69
C SER A 84 -5.19 -2.00 -5.75
N MSE A 85 -4.27 -2.84 -5.28
CA MSE A 85 -3.58 -3.71 -6.21
C MSE A 85 -4.32 -5.02 -6.30
O MSE A 85 -3.87 -5.92 -6.97
CB MSE A 85 -2.16 -3.88 -5.62
CG MSE A 85 -2.12 -4.67 -4.31
SE MSE A 85 -0.32 -5.69 -4.12
CE MSE A 85 -0.33 -6.71 -5.87
N ASN A 86 -5.40 -5.19 -5.55
CA ASN A 86 -6.15 -6.51 -5.52
C ASN A 86 -7.67 -6.25 -5.60
N PRO A 87 -8.16 -5.72 -6.76
CA PRO A 87 -9.57 -5.27 -6.90
C PRO A 87 -10.59 -6.40 -6.74
N ASP A 88 -10.23 -7.64 -7.10
CA ASP A 88 -11.15 -8.80 -6.94
C ASP A 88 -11.38 -9.11 -5.48
N ALA A 89 -10.31 -8.97 -4.70
CA ALA A 89 -10.45 -9.31 -3.31
C ALA A 89 -11.28 -8.23 -2.65
N ASN A 90 -11.25 -7.01 -3.20
CA ASN A 90 -12.09 -5.93 -2.59
C ASN A 90 -13.54 -6.29 -2.85
N GLN A 91 -13.93 -6.65 -4.09
CA GLN A 91 -15.37 -6.94 -4.33
C GLN A 91 -15.77 -8.27 -3.70
N LEU A 92 -14.81 -9.16 -3.46
CA LEU A 92 -15.16 -10.41 -2.74
C LEU A 92 -15.11 -10.30 -1.20
N GLY A 93 -14.72 -9.15 -0.68
CA GLY A 93 -14.57 -8.99 0.76
C GLY A 93 -13.58 -9.99 1.39
N THR A 94 -12.56 -10.44 0.63
CA THR A 94 -11.56 -11.39 1.16
C THR A 94 -10.16 -10.81 1.31
N ARG A 95 -9.41 -11.35 2.25
CA ARG A 95 -7.96 -11.07 2.33
C ARG A 95 -7.23 -11.49 1.03
N ALA A 96 -7.42 -12.75 0.63
CA ALA A 96 -6.81 -13.34 -0.58
C ALA A 96 -7.46 -12.92 -1.91
N ASN A 97 -6.70 -13.06 -2.99
CA ASN A 97 -7.27 -12.82 -4.31
C ASN A 97 -8.28 -13.90 -4.69
N ALA A 98 -8.73 -13.86 -5.95
CA ALA A 98 -9.84 -14.71 -6.47
C ALA A 98 -9.43 -16.20 -6.60
N ASN A 99 -8.11 -16.50 -6.58
CA ASN A 99 -7.66 -17.89 -6.53
C ASN A 99 -7.34 -18.30 -5.10
N GLN A 100 -7.78 -17.50 -4.11
CA GLN A 100 -7.53 -17.82 -2.69
C GLN A 100 -6.05 -17.73 -2.40
N VAL A 101 -5.35 -16.87 -3.13
CA VAL A 101 -3.92 -16.66 -2.88
C VAL A 101 -3.69 -15.36 -2.05
N ASP A 102 -3.05 -15.46 -0.89
CA ASP A 102 -2.58 -14.28 -0.15
C ASP A 102 -1.44 -13.62 -0.95
N LEU A 103 -1.68 -12.42 -1.47
CA LEU A 103 -0.72 -11.82 -2.36
C LEU A 103 0.59 -11.41 -1.62
N ASN A 104 0.50 -11.15 -0.31
CA ASN A 104 1.67 -10.95 0.49
C ASN A 104 2.45 -12.23 0.89
N ARG A 105 2.09 -13.36 0.30
CA ARG A 105 2.85 -14.62 0.44
C ARG A 105 3.14 -15.12 -0.96
N ALA A 106 2.92 -14.24 -1.96
CA ALA A 106 2.98 -14.72 -3.36
C ALA A 106 4.05 -14.07 -4.25
N PHE A 107 4.83 -13.15 -3.73
CA PHE A 107 5.97 -12.64 -4.50
C PHE A 107 7.07 -13.69 -4.69
N PRO A 108 7.77 -13.66 -5.84
CA PRO A 108 8.76 -14.72 -6.13
C PRO A 108 10.04 -14.37 -5.38
N THR A 109 10.07 -14.59 -4.08
CA THR A 109 11.26 -14.25 -3.31
C THR A 109 12.19 -15.52 -3.44
N GLN A 110 13.47 -15.37 -3.14
CA GLN A 110 14.41 -16.52 -3.11
C GLN A 110 13.89 -17.71 -2.32
N ASN A 111 13.29 -17.46 -1.16
CA ASN A 111 12.86 -18.54 -0.33
C ASN A 111 11.39 -18.96 -0.48
N TRP A 112 10.71 -18.45 -1.52
CA TRP A 112 9.30 -18.78 -1.77
C TRP A 112 9.08 -20.26 -1.92
N THR A 113 8.05 -20.86 -1.31
CA THR A 113 7.73 -22.26 -1.58
C THR A 113 6.27 -22.42 -1.92
N GLU A 114 5.92 -23.59 -2.44
CA GLU A 114 4.55 -23.84 -2.85
C GLU A 114 3.53 -24.20 -1.73
N HIS A 115 4.03 -24.54 -0.55
CA HIS A 115 3.20 -24.90 0.61
C HIS A 115 2.32 -23.78 1.07
N GLY A 116 1.10 -24.07 1.49
CA GLY A 116 0.18 -22.95 1.89
C GLY A 116 0.54 -22.44 3.29
N THR A 117 -0.14 -21.40 3.79
CA THR A 117 0.14 -20.92 5.11
C THR A 117 -1.19 -20.66 5.79
N VAL A 118 -1.24 -19.86 6.88
CA VAL A 118 -2.50 -19.58 7.54
C VAL A 118 -2.47 -18.15 8.00
N TYR A 119 -3.63 -17.47 7.98
CA TYR A 119 -3.72 -16.09 8.47
C TYR A 119 -4.69 -16.04 9.63
N ARG A 120 -4.79 -14.91 10.32
CA ARG A 120 -5.62 -14.84 11.52
C ARG A 120 -7.04 -14.42 11.16
N TRP A 121 -8.06 -15.16 11.64
CA TRP A 121 -9.48 -14.84 11.32
C TRP A 121 -9.90 -13.43 11.69
N SER A 122 -9.56 -12.98 12.90
CA SER A 122 -9.83 -11.59 13.29
C SER A 122 -8.80 -11.20 14.36
N SER A 123 -8.69 -9.92 14.71
CA SER A 123 -7.52 -9.47 15.46
C SER A 123 -7.53 -10.11 16.85
N HIS A 124 -8.68 -10.46 17.43
CA HIS A 124 -8.65 -11.07 18.76
C HIS A 124 -8.75 -12.57 18.68
N THR A 125 -8.73 -13.20 17.49
CA THR A 125 -8.62 -14.66 17.45
C THR A 125 -7.19 -15.09 17.97
N PRO A 126 -7.11 -16.06 18.93
CA PRO A 126 -5.81 -16.35 19.54
C PRO A 126 -4.71 -16.88 18.59
N VAL A 127 -5.05 -17.60 17.51
CA VAL A 127 -4.01 -18.16 16.60
C VAL A 127 -4.30 -17.79 15.17
N ARG A 128 -3.28 -17.84 14.30
CA ARG A 128 -3.51 -17.81 12.87
C ARG A 128 -3.89 -19.25 12.50
N ASP A 129 -5.07 -19.48 11.93
CA ASP A 129 -5.33 -20.82 11.42
C ASP A 129 -6.19 -20.90 10.17
N VAL A 130 -6.47 -19.75 9.54
CA VAL A 130 -7.24 -19.79 8.29
C VAL A 130 -6.32 -20.16 7.12
N LYS A 131 -6.54 -21.35 6.53
CA LYS A 131 -5.64 -21.81 5.47
C LYS A 131 -5.75 -20.92 4.23
N VAL A 132 -4.63 -20.68 3.58
CA VAL A 132 -4.58 -19.75 2.45
C VAL A 132 -3.46 -20.20 1.53
N LYS A 133 -3.65 -20.02 0.22
CA LYS A 133 -2.65 -20.43 -0.78
C LYS A 133 -1.56 -19.38 -0.96
N THR A 134 -0.40 -19.82 -1.44
CA THR A 134 0.74 -18.91 -1.62
C THR A 134 1.16 -18.81 -3.07
N GLY A 135 0.45 -19.52 -3.95
CA GLY A 135 0.74 -19.37 -5.38
C GLY A 135 1.15 -20.66 -6.12
N ASP A 136 1.24 -20.54 -7.43
CA ASP A 136 1.59 -21.64 -8.28
C ASP A 136 3.07 -21.51 -8.62
N LYS A 137 3.85 -22.57 -8.48
CA LYS A 137 5.29 -22.42 -8.79
C LYS A 137 5.59 -22.14 -10.25
N GLU A 138 4.67 -22.46 -11.16
CA GLU A 138 4.88 -22.24 -12.61
C GLU A 138 4.48 -20.86 -13.07
N GLN A 139 3.63 -20.17 -12.33
CA GLN A 139 3.06 -18.91 -12.83
C GLN A 139 2.65 -17.98 -11.68
N LEU A 140 3.12 -16.74 -11.71
CA LEU A 140 2.72 -15.70 -10.80
C LEU A 140 1.22 -15.43 -10.88
N GLU A 141 0.64 -15.08 -9.74
CA GLU A 141 -0.67 -14.44 -9.77
C GLU A 141 -0.64 -13.21 -10.68
N PRO A 142 -1.71 -12.96 -11.45
CA PRO A 142 -1.60 -11.76 -12.33
C PRO A 142 -1.46 -10.40 -11.61
N GLU A 143 -2.05 -10.24 -10.43
CA GLU A 143 -1.85 -8.98 -9.70
C GLU A 143 -0.36 -8.78 -9.27
N VAL A 144 0.31 -9.87 -8.93
CA VAL A 144 1.76 -9.85 -8.57
C VAL A 144 2.67 -9.53 -9.79
N ASP A 145 2.46 -10.33 -10.83
CA ASP A 145 3.14 -10.19 -12.09
C ASP A 145 3.05 -8.72 -12.54
N ALA A 146 1.82 -8.20 -12.58
CA ALA A 146 1.58 -6.82 -13.01
C ALA A 146 2.28 -5.80 -12.07
N LEU A 147 2.20 -5.98 -10.76
CA LEU A 147 2.86 -4.95 -9.90
C LEU A 147 4.38 -4.95 -10.10
N ILE A 148 4.93 -6.16 -10.23
CA ILE A 148 6.35 -6.35 -10.49
C ILE A 148 6.80 -5.68 -11.81
N SER A 149 6.12 -5.88 -12.94
CA SER A 149 6.45 -5.12 -14.20
C SER A 149 6.31 -3.64 -14.04
N LEU A 150 5.28 -3.20 -13.32
CA LEU A 150 5.15 -1.75 -13.07
C LEU A 150 6.37 -1.18 -12.31
N ILE A 151 6.79 -1.86 -11.26
CA ILE A 151 7.94 -1.39 -10.49
C ILE A 151 9.22 -1.41 -11.38
N GLU A 152 9.38 -2.48 -12.17
CA GLU A 152 10.48 -2.60 -13.16
C GLU A 152 10.46 -1.35 -14.04
N LEU A 153 9.28 -1.05 -14.60
CA LEU A 153 9.14 0.05 -15.55
C LEU A 153 9.35 1.41 -14.88
N ARG A 154 8.72 1.68 -13.74
CA ARG A 154 8.74 3.06 -13.19
C ARG A 154 9.93 3.30 -12.27
N ARG A 155 10.51 2.22 -11.74
CA ARG A 155 11.68 2.39 -10.83
C ARG A 155 11.46 3.26 -9.60
N PRO A 156 10.43 2.98 -8.79
CA PRO A 156 10.31 3.94 -7.70
C PRO A 156 11.56 3.92 -6.80
N LYS A 157 11.86 5.05 -6.16
CA LYS A 157 12.90 5.11 -5.13
C LYS A 157 12.51 4.41 -3.83
N PHE A 158 11.21 4.23 -3.59
CA PHE A 158 10.73 3.59 -2.35
C PHE A 158 9.28 3.21 -2.55
N VAL A 159 8.79 2.24 -1.74
CA VAL A 159 7.37 1.97 -1.67
C VAL A 159 6.84 2.18 -0.24
N VAL A 160 5.67 2.80 -0.12
CA VAL A 160 4.95 2.76 1.15
C VAL A 160 3.66 1.98 0.88
N SER A 161 3.47 0.91 1.66
CA SER A 161 2.35 0.01 1.46
C SER A 161 1.39 0.10 2.67
N PHE A 162 0.08 0.30 2.46
CA PHE A 162 -0.86 0.37 3.60
C PHE A 162 -1.60 -0.90 3.85
N HIS A 163 -1.59 -1.29 5.13
CA HIS A 163 -2.31 -2.48 5.63
C HIS A 163 -3.14 -2.13 6.83
N GLU A 164 -3.86 -3.11 7.39
CA GLU A 164 -4.58 -3.01 8.66
C GLU A 164 -4.61 -4.46 9.09
N PRO A 165 -4.75 -4.74 10.42
CA PRO A 165 -5.06 -3.75 11.45
C PRO A 165 -3.96 -3.65 12.54
N LEU A 166 -2.69 -3.89 12.20
CA LEU A 166 -1.73 -4.12 13.27
C LEU A 166 -1.25 -2.82 13.98
N ALA A 167 -1.64 -1.63 13.53
CA ALA A 167 -1.32 -0.40 14.35
C ALA A 167 0.19 -0.18 14.55
N PHE A 168 0.97 -0.14 13.48
CA PHE A 168 2.42 0.15 13.61
C PHE A 168 2.96 0.50 12.25
N VAL A 169 4.10 1.18 12.25
CA VAL A 169 4.85 1.46 11.00
C VAL A 169 6.07 0.53 10.97
N ASP A 170 6.09 -0.37 9.98
CA ASP A 170 7.09 -1.43 9.92
C ASP A 170 8.26 -0.92 9.04
N ASP A 171 9.42 -0.75 9.68
CA ASP A 171 10.57 -0.08 9.06
C ASP A 171 11.60 -1.12 8.64
N PRO A 172 11.94 -1.21 7.33
CA PRO A 172 12.95 -2.28 7.15
C PRO A 172 14.40 -1.91 7.61
N ALA A 173 14.71 -0.64 7.83
CA ALA A 173 16.13 -0.23 7.89
C ALA A 173 16.38 1.01 8.74
N HIS A 174 15.72 1.16 9.90
CA HIS A 174 15.98 2.35 10.77
C HIS A 174 15.99 3.63 10.00
N SER A 175 14.95 3.89 9.21
CA SER A 175 15.04 4.96 8.23
C SER A 175 14.25 6.18 8.69
N ASP A 176 14.57 7.33 8.13
CA ASP A 176 13.84 8.56 8.44
C ASP A 176 12.43 8.58 7.90
N LEU A 177 12.24 7.98 6.72
CA LEU A 177 10.92 7.94 6.12
C LEU A 177 9.96 7.24 7.12
N ALA A 178 10.42 6.13 7.74
CA ALA A 178 9.56 5.39 8.68
C ALA A 178 9.32 6.18 9.93
N LYS A 179 10.34 6.91 10.39
CA LYS A 179 10.12 7.80 11.55
C LYS A 179 9.11 8.91 11.19
N TRP A 180 9.26 9.49 10.02
CA TRP A 180 8.38 10.58 9.58
C TRP A 180 6.95 10.03 9.52
N LEU A 181 6.80 8.81 8.98
CA LEU A 181 5.46 8.14 8.92
C LEU A 181 4.84 7.86 10.27
N GLY A 182 5.64 7.37 11.22
CA GLY A 182 5.15 7.14 12.57
C GLY A 182 4.68 8.42 13.23
N LYS A 183 5.43 9.47 13.03
CA LYS A 183 4.97 10.78 13.52
C LYS A 183 3.67 11.25 12.78
N GLN A 184 3.64 11.17 11.46
CA GLN A 184 2.41 11.60 10.77
C GLN A 184 1.14 10.87 11.20
N PHE A 185 1.23 9.55 11.26
CA PHE A 185 0.09 8.74 11.59
C PHE A 185 -0.03 8.50 13.07
N ASN A 186 0.88 9.07 13.87
CA ASN A 186 0.94 8.74 15.29
C ASN A 186 0.92 7.23 15.61
N LEU A 187 1.88 6.50 15.05
CA LEU A 187 1.95 5.05 15.30
C LEU A 187 3.39 4.71 15.68
N PRO A 188 3.57 3.69 16.54
CA PRO A 188 4.92 3.31 16.95
C PRO A 188 5.62 2.66 15.75
N ILE A 189 6.92 2.73 15.73
CA ILE A 189 7.72 2.08 14.71
C ILE A 189 8.13 0.71 15.25
N VAL A 190 8.08 -0.33 14.43
CA VAL A 190 8.69 -1.57 14.79
C VAL A 190 9.70 -1.85 13.71
N ASP A 191 10.70 -2.66 14.04
CA ASP A 191 11.78 -2.82 13.12
C ASP A 191 11.65 -3.93 12.11
N ASP A 192 11.79 -5.17 12.40
CA ASP A 192 12.02 -5.75 11.02
C ASP A 192 11.11 -6.94 10.83
N VAL A 193 9.82 -6.63 10.75
CA VAL A 193 8.78 -7.62 10.99
C VAL A 193 8.28 -8.10 9.63
N ASP A 194 8.42 -9.40 9.36
CA ASP A 194 7.86 -10.05 8.16
C ASP A 194 8.68 -9.76 6.89
N TYR A 195 9.87 -9.17 7.03
CA TYR A 195 10.80 -8.93 5.91
C TYR A 195 11.68 -10.10 5.60
N GLU A 196 11.33 -11.25 6.16
CA GLU A 196 12.03 -12.49 5.82
C GLU A 196 11.08 -13.60 5.39
N THR A 197 9.77 -13.35 5.46
CA THR A 197 8.79 -14.39 5.18
C THR A 197 8.75 -14.68 3.68
N PRO A 198 8.78 -15.96 3.26
CA PRO A 198 8.67 -16.31 1.82
C PRO A 198 7.46 -15.59 1.16
N GLY A 199 7.72 -14.88 0.05
CA GLY A 199 6.68 -14.29 -0.76
C GLY A 199 6.12 -12.97 -0.28
N SER A 200 6.52 -12.46 0.89
CA SER A 200 6.09 -11.12 1.33
C SER A 200 6.67 -10.08 0.42
N PHE A 201 5.92 -9.00 0.28
CA PHE A 201 6.32 -7.91 -0.57
C PHE A 201 7.58 -7.26 0.07
N GLY A 202 7.63 -7.18 1.40
CA GLY A 202 8.84 -6.63 2.07
C GLY A 202 10.09 -7.48 1.80
N THR A 203 9.98 -8.82 1.94
CA THR A 203 11.07 -9.71 1.55
C THR A 203 11.53 -9.44 0.12
N TRP A 204 10.58 -9.46 -0.82
CA TRP A 204 10.86 -9.19 -2.23
C TRP A 204 11.57 -7.88 -2.45
N CYS A 205 11.08 -6.81 -1.86
CA CYS A 205 11.75 -5.51 -1.94
C CYS A 205 13.19 -5.50 -1.36
N ASN A 206 13.37 -6.06 -0.16
CA ASN A 206 14.73 -6.16 0.45
C ASN A 206 15.69 -6.87 -0.51
N GLU A 207 15.26 -7.92 -1.17
CA GLU A 207 16.16 -8.62 -2.07
C GLU A 207 16.63 -7.69 -3.18
N ARG A 208 15.82 -6.67 -3.52
CA ARG A 208 16.19 -5.76 -4.63
C ARG A 208 16.71 -4.47 -4.11
N GLN A 209 16.88 -4.39 -2.79
CA GLN A 209 17.41 -3.21 -2.20
C GLN A 209 16.40 -2.11 -2.28
N LEU A 210 15.13 -2.43 -2.48
CA LEU A 210 14.16 -1.34 -2.63
C LEU A 210 13.57 -0.94 -1.26
N PRO A 211 13.78 0.32 -0.79
CA PRO A 211 13.19 0.60 0.54
C PRO A 211 11.64 0.45 0.48
N CYS A 212 11.09 -0.27 1.46
N CYS A 212 11.06 -0.35 1.38
CA CYS A 212 9.68 -0.61 1.46
CA CYS A 212 9.62 -0.70 1.33
C CYS A 212 9.22 -0.48 2.89
C CYS A 212 9.02 -0.63 2.75
N ILE A 213 8.38 0.49 3.12
CA ILE A 213 7.79 0.64 4.43
C ILE A 213 6.31 0.22 4.44
N THR A 214 5.89 -0.51 5.47
CA THR A 214 4.48 -0.85 5.62
C THR A 214 3.88 -0.13 6.77
N VAL A 215 2.83 0.64 6.49
CA VAL A 215 2.06 1.24 7.54
C VAL A 215 0.81 0.38 7.77
N GLU A 216 0.70 -0.18 8.98
CA GLU A 216 -0.42 -0.98 9.40
C GLU A 216 -1.26 -0.08 10.24
N LEU A 217 -2.43 0.31 9.73
CA LEU A 217 -3.32 1.15 10.56
C LEU A 217 -3.81 0.24 11.70
N PRO A 218 -4.35 0.82 12.78
CA PRO A 218 -5.11 0.01 13.74
C PRO A 218 -6.46 -0.50 13.15
N PRO A 219 -7.27 -1.30 13.90
CA PRO A 219 -8.60 -1.64 13.27
C PRO A 219 -9.57 -0.45 13.34
N ILE A 220 -9.61 0.43 12.33
CA ILE A 220 -10.41 1.64 12.43
C ILE A 220 -11.30 1.71 11.22
N SER A 221 -12.46 2.35 11.38
CA SER A 221 -13.37 2.38 10.21
C SER A 221 -12.77 3.34 9.17
N ALA A 222 -13.31 3.29 7.95
CA ALA A 222 -12.96 4.24 6.89
C ALA A 222 -13.31 5.67 7.26
N ASP A 223 -14.48 5.87 7.87
CA ASP A 223 -14.93 7.17 8.35
C ASP A 223 -13.92 7.80 9.37
N LEU A 224 -13.49 7.05 10.36
CA LEU A 224 -12.48 7.54 11.32
C LEU A 224 -11.12 7.77 10.61
N THR A 225 -10.75 6.90 9.67
CA THR A 225 -9.55 7.11 8.87
C THR A 225 -9.52 8.49 8.15
N ILE A 226 -10.63 8.84 7.48
CA ILE A 226 -10.78 10.13 6.78
C ILE A 226 -10.68 11.29 7.77
N GLU A 227 -11.39 11.16 8.90
CA GLU A 227 -11.44 12.24 9.90
C GLU A 227 -10.15 12.35 10.76
N LYS A 228 -9.39 11.28 11.01
CA LYS A 228 -8.20 11.40 11.83
C LYS A 228 -6.96 11.48 10.98
N HIS A 229 -6.94 10.83 9.82
CA HIS A 229 -5.63 10.72 9.15
C HIS A 229 -5.54 11.27 7.78
N LEU A 230 -6.58 11.95 7.27
CA LEU A 230 -6.53 12.47 5.88
C LEU A 230 -5.25 13.29 5.57
N ASP A 231 -4.87 14.14 6.51
CA ASP A 231 -3.75 15.06 6.29
C ASP A 231 -2.44 14.28 6.17
N ALA A 232 -2.39 13.16 6.91
CA ALA A 232 -1.19 12.34 6.95
C ALA A 232 -1.00 11.66 5.58
N PHE A 233 -2.09 11.15 4.99
CA PHE A 233 -2.00 10.69 3.60
C PHE A 233 -1.68 11.76 2.57
N ILE A 234 -2.39 12.89 2.63
CA ILE A 234 -2.13 14.02 1.72
C ILE A 234 -0.63 14.47 1.82
N ALA A 235 -0.12 14.67 3.04
CA ALA A 235 1.31 14.98 3.26
C ALA A 235 2.21 13.98 2.51
N LEU A 236 1.93 12.69 2.72
CA LEU A 236 2.72 11.62 2.11
C LEU A 236 2.76 11.73 0.60
N LEU A 237 1.62 12.04 -0.01
CA LEU A 237 1.55 12.17 -1.45
C LEU A 237 2.46 13.27 -2.06
N GLN A 238 2.83 14.25 -1.23
CA GLN A 238 3.64 15.40 -1.62
C GLN A 238 5.02 15.31 -0.96
N HIS A 239 5.37 14.20 -0.34
CA HIS A 239 6.52 14.25 0.60
C HIS A 239 7.76 13.91 -0.13
N ASP A 240 8.81 14.67 0.13
CA ASP A 240 10.15 14.30 -0.31
C ASP A 240 10.89 13.60 0.72
N PRO A 241 11.33 12.38 0.43
CA PRO A 241 12.09 11.63 1.44
C PRO A 241 13.60 11.75 1.18
ZN ZN B . -2.60 -6.83 5.36
C1 EDO C . -6.49 12.50 -8.30
O1 EDO C . -6.90 11.93 -9.59
C2 EDO C . -5.57 13.75 -8.31
O2 EDO C . -6.11 14.92 -7.67
#